data_4BOB
#
_entry.id   4BOB
#
_cell.length_a   27.030
_cell.length_b   55.130
_cell.length_c   81.370
_cell.angle_alpha   90.00
_cell.angle_beta   90.00
_cell.angle_gamma   90.00
#
_symmetry.space_group_name_H-M   'P 21 21 21'
#
_entity_poly.entity_id   1
_entity_poly.type   'polypeptide(L)'
_entity_poly.pdbx_seq_one_letter_code
;GAMGDEQSSGEINHTLYDEQSNGELKLKKIEFSKFTVKIKNKDNNSNWTDLGDLVVRKEENGIDTGLNAGGHSATFFSLK
ESEVNNFIKAMTKGGSFKTSLYYGYKYEQSSANGIQNKEIITKIESINGAEHIAFLGDKINNGVGGDKTAEYAIPLEVLK
KNLK
;
_entity_poly.pdbx_strand_id   A
#
# COMPACT_ATOMS: atom_id res chain seq x y z
N LYS A 29 3.49 16.74 -13.01
CA LYS A 29 3.02 17.68 -11.93
C LYS A 29 1.89 17.07 -11.13
N ILE A 30 2.00 17.19 -9.81
CA ILE A 30 1.11 16.50 -8.87
C ILE A 30 0.48 17.53 -7.91
N GLU A 31 -0.86 17.51 -7.83
CA GLU A 31 -1.59 18.50 -7.04
C GLU A 31 -1.52 18.26 -5.52
N PHE A 32 -1.62 17.00 -5.12
CA PHE A 32 -2.01 16.69 -3.76
C PHE A 32 -0.82 16.68 -2.79
N SER A 33 -1.14 16.93 -1.53
CA SER A 33 -0.16 16.98 -0.46
C SER A 33 -0.26 15.71 0.39
N LYS A 34 -1.43 15.50 0.98
CA LYS A 34 -1.63 14.47 1.95
C LYS A 34 -3.07 14.04 2.00
N PHE A 35 -3.27 12.74 2.13
CA PHE A 35 -4.60 12.21 2.37
C PHE A 35 -4.56 10.81 2.99
N THR A 36 -5.73 10.33 3.38
CA THR A 36 -5.86 9.07 4.08
C THR A 36 -6.86 8.24 3.30
N VAL A 37 -6.71 6.93 3.43
CA VAL A 37 -7.63 5.97 2.82
C VAL A 37 -7.58 4.66 3.63
N LYS A 38 -8.74 4.00 3.75
CA LYS A 38 -8.84 2.75 4.49
C LYS A 38 -8.00 1.65 3.82
N ILE A 39 -7.30 0.88 4.64
CA ILE A 39 -6.63 -0.33 4.16
C ILE A 39 -7.13 -1.56 4.90
N LYS A 40 -7.27 -2.64 4.14
CA LYS A 40 -7.58 -3.98 4.64
C LYS A 40 -6.44 -5.00 4.45
N ASN A 41 -6.44 -6.04 5.29
CA ASN A 41 -5.68 -7.25 4.96
C ASN A 41 -6.46 -8.56 5.08
N LYS A 42 -5.88 -9.59 4.48
CA LYS A 42 -6.38 -10.93 4.63
C LYS A 42 -5.94 -11.50 5.97
N ASP A 43 -6.89 -11.98 6.73
CA ASP A 43 -6.59 -12.47 8.06
C ASP A 43 -6.11 -13.91 7.98
N ASN A 44 -5.95 -14.51 9.16
CA ASN A 44 -5.48 -15.89 9.32
C ASN A 44 -6.20 -16.96 8.54
N ASN A 45 -7.44 -16.68 8.12
CA ASN A 45 -8.27 -17.59 7.31
C ASN A 45 -8.37 -17.22 5.83
N SER A 46 -7.54 -16.28 5.37
CA SER A 46 -7.71 -15.56 4.09
C SER A 46 -9.09 -14.87 3.97
N ASN A 47 -9.45 -14.10 4.98
CA ASN A 47 -10.59 -13.21 4.86
C ASN A 47 -10.15 -11.75 4.92
N TRP A 48 -10.60 -10.96 3.95
CA TRP A 48 -10.42 -9.51 4.02
C TRP A 48 -11.04 -8.94 5.27
N THR A 49 -10.20 -8.33 6.09
CA THR A 49 -10.63 -7.65 7.32
C THR A 49 -10.05 -6.24 7.25
N ASP A 50 -10.76 -5.27 7.84
CA ASP A 50 -10.21 -3.92 7.94
C ASP A 50 -9.04 -3.90 8.92
N LEU A 51 -7.90 -3.36 8.47
CA LEU A 51 -6.65 -3.24 9.24
C LEU A 51 -6.49 -1.85 9.87
N GLY A 52 -6.68 -0.80 9.07
CA GLY A 52 -6.65 0.59 9.56
C GLY A 52 -6.76 1.64 8.45
N ASP A 53 -6.11 2.79 8.69
CA ASP A 53 -5.98 3.87 7.70
C ASP A 53 -4.52 4.11 7.30
N LEU A 54 -4.34 4.46 6.02
CA LEU A 54 -3.03 4.65 5.42
C LEU A 54 -2.88 6.11 5.00
N VAL A 55 -1.81 6.75 5.48
CA VAL A 55 -1.59 8.18 5.34
C VAL A 55 -0.59 8.45 4.22
N VAL A 56 -1.10 8.78 3.03
CA VAL A 56 -0.24 8.95 1.88
C VAL A 56 0.17 10.42 1.81
N ARG A 57 1.48 10.64 1.76
CA ARG A 57 2.08 11.97 1.85
C ARG A 57 3.04 12.17 0.67
N LYS A 58 3.02 13.38 0.12
CA LYS A 58 3.73 13.72 -1.10
C LYS A 58 4.96 14.58 -0.79
N GLU A 59 6.17 14.06 -1.08
CA GLU A 59 7.44 14.74 -0.74
C GLU A 59 8.04 15.51 -1.92
N GLU A 60 8.92 16.46 -1.59
CA GLU A 60 9.86 17.07 -2.55
C GLU A 60 10.35 16.02 -3.56
N ASN A 61 10.71 14.84 -3.06
CA ASN A 61 11.04 13.71 -3.91
C ASN A 61 10.32 12.43 -3.42
N GLY A 62 9.41 11.93 -4.25
CA GLY A 62 8.66 10.72 -3.98
C GLY A 62 7.35 10.84 -3.22
N ILE A 63 6.98 9.73 -2.60
CA ILE A 63 5.79 9.60 -1.76
C ILE A 63 6.26 8.87 -0.52
N ASP A 64 5.78 9.27 0.66
CA ASP A 64 5.80 8.37 1.82
C ASP A 64 4.37 7.95 2.04
N THR A 65 4.20 6.71 2.50
CA THR A 65 2.92 6.24 3.03
C THR A 65 3.20 5.50 4.34
N GLY A 66 2.32 5.72 5.31
CA GLY A 66 2.49 5.16 6.67
C GLY A 66 1.22 4.56 7.25
N LEU A 67 1.41 3.47 7.99
CA LEU A 67 0.31 2.69 8.54
C LEU A 67 0.05 3.06 10.00
N ASN A 68 -1.16 3.56 10.23
CA ASN A 68 -1.75 3.65 11.57
C ASN A 68 -2.76 2.53 11.79
N ALA A 69 -2.26 1.37 12.19
CA ALA A 69 -3.09 0.21 12.45
C ALA A 69 -3.00 -0.09 13.93
N GLY A 70 -4.17 -0.26 14.56
CA GLY A 70 -4.27 -0.45 16.01
C GLY A 70 -3.72 0.80 16.65
N GLY A 71 -2.83 0.61 17.62
CA GLY A 71 -2.05 1.72 18.19
C GLY A 71 -0.57 1.71 17.79
N HIS A 72 -0.28 1.14 16.63
CA HIS A 72 1.06 1.17 16.02
C HIS A 72 1.00 2.17 14.86
N SER A 73 1.94 3.12 14.87
CA SER A 73 2.07 4.16 13.82
C SER A 73 3.50 4.16 13.27
N ALA A 74 3.65 3.81 11.99
CA ALA A 74 4.97 3.62 11.39
C ALA A 74 4.92 3.51 9.86
N THR A 75 5.99 3.95 9.20
CA THR A 75 6.09 3.93 7.73
C THR A 75 5.88 2.54 7.10
N PHE A 76 5.07 2.55 6.04
CA PHE A 76 4.55 1.35 5.39
C PHE A 76 5.41 1.03 4.16
N PHE A 77 5.40 1.93 3.17
CA PHE A 77 6.35 1.87 2.05
C PHE A 77 6.49 3.27 1.44
N SER A 78 7.64 3.51 0.81
CA SER A 78 7.97 4.78 0.16
C SER A 78 8.64 4.53 -1.20
N LEU A 79 8.77 5.59 -1.97
CA LEU A 79 9.23 5.52 -3.37
C LEU A 79 9.60 6.93 -3.81
N LYS A 80 10.58 7.06 -4.71
CA LYS A 80 11.05 8.40 -5.14
C LYS A 80 10.30 8.93 -6.39
N GLU A 81 10.60 10.16 -6.82
CA GLU A 81 9.86 10.80 -7.96
C GLU A 81 9.66 9.89 -9.16
N SER A 82 10.75 9.27 -9.64
CA SER A 82 10.71 8.41 -10.84
C SER A 82 9.62 7.28 -10.85
N GLU A 83 9.28 6.71 -9.69
CA GLU A 83 8.24 5.68 -9.61
C GLU A 83 6.82 6.24 -9.43
N VAL A 84 6.72 7.57 -9.35
CA VAL A 84 5.44 8.27 -9.07
C VAL A 84 4.35 7.98 -10.09
N ASN A 85 4.66 8.12 -11.38
CA ASN A 85 3.71 7.85 -12.44
C ASN A 85 3.26 6.38 -12.39
N ASN A 86 4.27 5.51 -12.25
CA ASN A 86 4.07 4.08 -11.99
C ASN A 86 3.22 3.82 -10.74
N PHE A 87 3.35 4.69 -9.75
CA PHE A 87 2.50 4.56 -8.59
C PHE A 87 1.06 4.89 -8.99
N ILE A 88 0.84 6.10 -9.49
CA ILE A 88 -0.52 6.59 -9.71
C ILE A 88 -1.27 5.61 -10.63
N LYS A 89 -0.68 5.38 -11.80
CA LYS A 89 -1.14 4.35 -12.72
C LYS A 89 -1.52 3.07 -11.96
N ALA A 90 -0.55 2.52 -11.25
CA ALA A 90 -0.71 1.25 -10.52
C ALA A 90 -1.85 1.27 -9.53
N MET A 91 -1.92 2.36 -8.77
CA MET A 91 -2.91 2.51 -7.72
C MET A 91 -4.30 2.99 -8.25
N THR A 92 -4.41 3.22 -9.56
CA THR A 92 -5.71 3.54 -10.17
C THR A 92 -6.17 2.50 -11.23
N LYS A 93 -5.23 1.96 -12.01
CA LYS A 93 -5.55 1.04 -13.08
C LYS A 93 -5.02 -0.38 -12.90
N GLY A 94 -4.25 -0.62 -11.84
CA GLY A 94 -3.60 -1.91 -11.63
C GLY A 94 -2.28 -1.91 -12.39
N GLY A 95 -1.22 -2.42 -11.79
CA GLY A 95 0.10 -2.30 -12.43
C GLY A 95 1.20 -2.69 -11.49
N SER A 96 2.25 -1.87 -11.46
CA SER A 96 3.39 -2.11 -10.55
C SER A 96 4.28 -0.87 -10.41
N PHE A 97 4.97 -0.77 -9.26
CA PHE A 97 5.95 0.31 -8.98
C PHE A 97 7.09 -0.18 -8.06
N LYS A 98 8.26 0.47 -8.18
CA LYS A 98 9.39 0.19 -7.28
C LYS A 98 9.48 1.12 -6.06
N THR A 99 9.35 0.55 -4.87
CA THR A 99 9.49 1.28 -3.59
C THR A 99 10.95 1.64 -3.28
N SER A 100 11.20 2.75 -2.59
CA SER A 100 12.54 2.97 -2.03
C SER A 100 12.70 1.94 -0.93
N LEU A 101 11.84 2.00 0.06
CA LEU A 101 11.81 1.02 1.15
C LEU A 101 10.38 0.49 1.36
N TYR A 102 10.26 -0.84 1.57
CA TYR A 102 9.02 -1.46 2.05
C TYR A 102 9.26 -2.21 3.36
N TYR A 103 8.54 -1.78 4.40
CA TYR A 103 8.51 -2.45 5.72
C TYR A 103 7.24 -3.32 5.91
N GLY A 104 6.09 -2.71 5.62
CA GLY A 104 4.78 -3.37 5.73
C GLY A 104 4.08 -3.23 7.09
N TYR A 105 3.73 -4.37 7.69
CA TYR A 105 3.17 -4.41 9.02
C TYR A 105 3.94 -5.47 9.79
N LYS A 106 3.57 -5.68 11.05
CA LYS A 106 4.47 -6.34 12.01
C LYS A 106 4.78 -7.81 11.69
N TYR A 107 3.76 -8.50 11.21
CA TYR A 107 3.81 -9.94 10.92
C TYR A 107 4.71 -10.32 9.79
N GLU A 108 4.92 -9.37 8.89
CA GLU A 108 5.77 -9.58 7.76
C GLU A 108 7.20 -9.18 8.10
N GLN A 109 8.07 -9.81 7.38
CA GLN A 109 9.38 -10.04 7.85
C GLN A 109 10.32 -8.82 7.70
N SER A 110 10.07 -8.10 6.61
CA SER A 110 10.61 -6.80 6.26
C SER A 110 10.19 -5.59 7.12
N SER A 111 9.51 -5.77 8.25
CA SER A 111 9.10 -4.60 9.05
C SER A 111 10.17 -4.13 10.00
N ALA A 112 10.99 -5.06 10.51
CA ALA A 112 12.16 -4.67 11.32
C ALA A 112 13.09 -3.73 10.57
N ASN A 113 13.53 -4.16 9.40
CA ASN A 113 14.55 -3.42 8.63
C ASN A 113 14.15 -2.90 7.23
N GLY A 114 12.97 -3.26 6.72
CA GLY A 114 12.58 -2.77 5.40
C GLY A 114 13.41 -3.36 4.29
N ILE A 115 12.87 -3.41 3.06
CA ILE A 115 13.66 -3.83 1.87
C ILE A 115 13.57 -2.96 0.59
N GLN A 116 14.75 -2.65 0.07
CA GLN A 116 14.89 -1.69 -1.01
C GLN A 116 14.41 -2.31 -2.32
N ASN A 117 13.79 -1.45 -3.12
CA ASN A 117 13.32 -1.74 -4.46
C ASN A 117 12.29 -2.87 -4.54
N LYS A 118 11.61 -3.16 -3.42
CA LYS A 118 10.57 -4.16 -3.46
C LYS A 118 9.56 -3.69 -4.49
N GLU A 119 9.22 -4.55 -5.44
CA GLU A 119 8.25 -4.19 -6.44
C GLU A 119 6.87 -4.57 -5.90
N ILE A 120 6.00 -3.55 -5.80
CA ILE A 120 4.57 -3.75 -5.54
C ILE A 120 3.84 -3.86 -6.85
N ILE A 121 2.90 -4.79 -6.85
CA ILE A 121 2.17 -5.29 -8.03
C ILE A 121 0.68 -5.41 -7.65
N THR A 122 -0.13 -4.63 -8.37
CA THR A 122 -1.50 -4.37 -7.95
C THR A 122 -2.54 -4.98 -8.90
N LYS A 123 -3.67 -5.41 -8.34
CA LYS A 123 -4.86 -5.79 -9.13
C LYS A 123 -6.10 -5.01 -8.67
N ILE A 124 -7.10 -4.93 -9.56
CA ILE A 124 -8.44 -4.45 -9.21
C ILE A 124 -9.16 -5.64 -8.60
N GLU A 125 -9.93 -5.41 -7.56
CA GLU A 125 -10.69 -6.49 -6.93
C GLU A 125 -11.92 -5.94 -6.28
N SER A 126 -13.08 -6.41 -6.73
CA SER A 126 -14.36 -6.15 -6.08
C SER A 126 -14.35 -7.03 -4.84
N ILE A 127 -14.70 -6.47 -3.67
CA ILE A 127 -14.63 -7.23 -2.41
C ILE A 127 -16.06 -7.50 -1.89
N ASN A 128 -16.83 -6.44 -1.62
CA ASN A 128 -18.27 -6.61 -1.34
C ASN A 128 -18.97 -6.25 -2.63
N GLY A 129 -19.23 -4.96 -2.83
CA GLY A 129 -19.54 -4.44 -4.18
C GLY A 129 -18.53 -3.39 -4.62
N ALA A 130 -17.45 -3.24 -3.86
CA ALA A 130 -16.52 -2.10 -3.97
C ALA A 130 -15.16 -2.51 -4.50
N GLU A 131 -14.81 -2.03 -5.70
CA GLU A 131 -13.52 -2.39 -6.31
C GLU A 131 -12.44 -1.84 -5.40
N HIS A 132 -11.40 -2.64 -5.16
CA HIS A 132 -10.21 -2.22 -4.41
C HIS A 132 -8.97 -2.48 -5.20
N ILE A 133 -7.91 -1.75 -4.85
CA ILE A 133 -6.57 -2.04 -5.34
C ILE A 133 -5.98 -3.07 -4.36
N ALA A 134 -5.64 -4.25 -4.87
CA ALA A 134 -5.08 -5.31 -4.04
C ALA A 134 -3.65 -5.59 -4.46
N PHE A 135 -2.77 -5.87 -3.48
CA PHE A 135 -1.38 -6.27 -3.76
C PHE A 135 -0.83 -7.16 -2.62
N LEU A 136 0.15 -8.00 -2.95
CA LEU A 136 0.86 -8.83 -1.94
C LEU A 136 1.97 -8.06 -1.18
N GLY A 137 2.12 -8.37 0.10
CA GLY A 137 3.18 -7.80 0.91
C GLY A 137 4.36 -8.75 0.91
N ASP A 138 5.05 -8.79 2.05
CA ASP A 138 6.16 -9.72 2.30
C ASP A 138 5.72 -10.99 3.04
N LYS A 139 6.56 -12.02 2.90
CA LYS A 139 6.68 -13.15 3.85
C LYS A 139 6.53 -12.91 5.35
N ILE A 140 5.74 -13.78 5.95
CA ILE A 140 5.34 -13.68 7.32
C ILE A 140 6.15 -14.66 8.13
N ASN A 141 6.48 -14.27 9.36
CA ASN A 141 6.58 -15.24 10.45
C ASN A 141 6.25 -14.58 11.80
N GLY A 146 6.32 -23.91 3.19
CA GLY A 146 5.02 -23.42 2.78
C GLY A 146 5.01 -21.89 2.82
N ASP A 147 5.34 -21.27 1.70
CA ASP A 147 5.59 -19.83 1.67
C ASP A 147 4.35 -18.94 1.52
N LYS A 148 4.03 -18.21 2.58
CA LYS A 148 2.85 -17.35 2.68
C LYS A 148 3.29 -15.89 2.85
N THR A 149 2.71 -15.02 2.01
CA THR A 149 2.99 -13.58 2.01
C THR A 149 1.77 -12.83 2.59
N ALA A 150 1.89 -11.53 2.87
CA ALA A 150 0.73 -10.74 3.33
C ALA A 150 -0.05 -10.23 2.11
N GLU A 151 -1.37 -10.02 2.26
CA GLU A 151 -2.21 -9.54 1.16
C GLU A 151 -2.96 -8.27 1.57
N TYR A 152 -3.10 -7.31 0.66
CA TYR A 152 -3.63 -5.99 1.00
C TYR A 152 -4.60 -5.42 -0.05
N ALA A 153 -5.49 -4.53 0.41
CA ALA A 153 -6.62 -4.02 -0.38
C ALA A 153 -7.03 -2.65 0.10
N ILE A 154 -7.01 -1.69 -0.84
CA ILE A 154 -7.43 -0.29 -0.62
C ILE A 154 -8.55 0.05 -1.63
N PRO A 155 -9.62 0.76 -1.21
CA PRO A 155 -10.71 0.96 -2.19
C PRO A 155 -10.29 1.84 -3.35
N LEU A 156 -10.71 1.48 -4.55
CA LEU A 156 -10.26 2.15 -5.76
C LEU A 156 -10.76 3.62 -5.86
N GLU A 157 -12.06 3.80 -5.67
CA GLU A 157 -12.74 5.11 -5.74
C GLU A 157 -12.11 6.20 -4.88
N VAL A 158 -11.66 5.84 -3.68
CA VAL A 158 -10.95 6.83 -2.87
C VAL A 158 -9.56 7.12 -3.47
N LEU A 159 -8.81 6.09 -3.89
CA LEU A 159 -7.50 6.26 -4.53
C LEU A 159 -7.56 7.11 -5.82
N LYS A 160 -8.67 7.05 -6.52
CA LYS A 160 -8.82 7.81 -7.75
C LYS A 160 -9.17 9.28 -7.48
N LYS A 161 -10.14 9.52 -6.60
CA LYS A 161 -10.49 10.87 -6.11
C LYS A 161 -9.27 11.70 -5.70
N ASN A 162 -8.35 11.08 -4.96
CA ASN A 162 -7.27 11.82 -4.31
C ASN A 162 -5.95 11.80 -5.07
N LEU A 163 -5.66 10.71 -5.80
CA LEU A 163 -4.33 10.52 -6.46
C LEU A 163 -4.19 11.28 -7.79
N LYS A 164 -3.86 12.57 -7.70
CA LYS A 164 -3.64 13.39 -8.88
C LYS A 164 -2.69 14.54 -8.53
#